data_3IGH
#
_entry.id   3IGH
#
_cell.length_a   106.571
_cell.length_b   106.571
_cell.length_c   133.174
_cell.angle_alpha   90.00
_cell.angle_beta   90.00
_cell.angle_gamma   90.00
#
_symmetry.space_group_name_H-M   'P 43 21 2'
#
loop_
_entity.id
_entity.type
_entity.pdbx_description
1 polymer 'UNCHARACTERIZED METAL-DEPENDENT HYDROLASE'
2 non-polymer 'SULFATE ION'
3 water water
#
_entity_poly.entity_id   1
_entity_poly.type   'polypeptide(L)'
_entity_poly.pdbx_seq_one_letter_code
;MSLKALINGTIYTSFNPLKKVSGLVISHGKVIYAGDSEVAKKIVELSGGEIVDLKGKYVMPAFFDSHLHLDELGMSLEMV
DLRGAKSIEELIQRLKRGKGRIIFGFGWDQDELGEWPTRKELNAIDKPVFIYRKCFHVAVANDKMLELLNLTPSKDFDED
TGIIKEKSLEEARKVINERVLTVEDYVYYIKRAQEHLLDLGVKSVSFMSVNEKALRALFYLEREGKLSINVFAYVTPEVL
DKLESIGLGRFQGNRLTIAGVKLFTDGSLGARTALLSKPYSDDPSTSGQLVMEREELIRITEKARSLGLDVAIHAIGDKA
LDVALDVFETTGFPGRIEHASLVRDDQLERVKNLKVRLSVQPHFIISDWWIVERVGEERVKWVYRFKDLMKVAELGFSTD
SPIEPADPWLTVDAAVNRGKGKVKLYELTKDQALDIKDALHSYTYGSARVSLASDIGKLEPGFKAEYIILDRDPLVVKEG
HHHHHH
;
_entity_poly.pdbx_strand_id   X
#
loop_
_chem_comp.id
_chem_comp.type
_chem_comp.name
_chem_comp.formula
SO4 non-polymer 'SULFATE ION' 'O4 S -2'
#
# COMPACT_ATOMS: atom_id res chain seq x y z
N SER A 2 9.01 30.29 1.11
CA SER A 2 8.36 31.23 0.16
C SER A 2 6.87 31.39 0.44
N LEU A 3 6.33 32.58 0.16
CA LEU A 3 4.90 32.81 0.22
C LEU A 3 4.35 32.86 -1.18
N LYS A 4 3.44 31.96 -1.53
CA LYS A 4 2.86 31.97 -2.86
C LYS A 4 1.35 31.94 -2.91
N ALA A 5 0.79 32.47 -3.98
CA ALA A 5 -0.64 32.38 -4.24
C ALA A 5 -0.91 31.53 -5.48
N LEU A 6 -1.94 30.69 -5.38
CA LEU A 6 -2.49 29.98 -6.52
C LEU A 6 -3.82 30.65 -6.79
N ILE A 7 -3.93 31.33 -7.94
CA ILE A 7 -5.10 32.16 -8.25
C ILE A 7 -5.66 31.82 -9.63
N ASN A 8 -6.89 32.31 -9.89
CA ASN A 8 -7.57 32.21 -11.19
C ASN A 8 -7.71 30.74 -11.65
N GLY A 9 -8.29 29.95 -10.76
CA GLY A 9 -8.51 28.54 -11.02
C GLY A 9 -9.59 28.00 -10.12
N THR A 10 -9.87 26.71 -10.26
CA THR A 10 -10.88 26.08 -9.44
C THR A 10 -10.20 25.10 -8.50
N ILE A 11 -10.19 25.46 -7.22
CA ILE A 11 -9.46 24.69 -6.23
C ILE A 11 -10.45 23.99 -5.33
N TYR A 12 -10.44 22.66 -5.37
CA TYR A 12 -11.24 21.85 -4.44
C TYR A 12 -10.45 21.72 -3.15
N THR A 13 -11.03 22.18 -2.05
CA THR A 13 -10.35 22.12 -0.76
C THR A 13 -10.83 20.94 0.07
N SER A 14 -12.01 20.43 -0.27
CA SER A 14 -12.62 19.32 0.47
C SER A 14 -13.62 18.62 -0.46
N PHE A 15 -13.79 17.31 -0.28
CA PHE A 15 -14.72 16.54 -1.11
C PHE A 15 -16.00 16.15 -0.35
N ASN A 16 -15.84 15.78 0.92
CA ASN A 16 -16.95 15.55 1.84
C ASN A 16 -16.76 16.43 3.07
N PRO A 17 -17.46 17.58 3.14
CA PRO A 17 -18.40 18.18 2.19
C PRO A 17 -17.68 18.84 1.02
N LEU A 18 -18.36 18.98 -0.11
CA LEU A 18 -17.73 19.59 -1.27
C LEU A 18 -17.51 21.08 -1.04
N LYS A 19 -16.25 21.52 -1.09
CA LYS A 19 -15.91 22.95 -0.97
C LYS A 19 -14.93 23.34 -2.07
N LYS A 20 -15.25 24.42 -2.77
CA LYS A 20 -14.37 24.96 -3.82
C LYS A 20 -14.05 26.43 -3.53
N VAL A 21 -12.82 26.82 -3.86
CA VAL A 21 -12.41 28.22 -3.80
C VAL A 21 -11.70 28.59 -5.10
N SER A 22 -11.40 29.88 -5.26
CA SER A 22 -10.70 30.36 -6.45
C SER A 22 -9.27 30.79 -6.15
N GLY A 23 -8.90 30.83 -4.87
CA GLY A 23 -7.56 31.25 -4.48
C GLY A 23 -7.03 30.59 -3.23
N LEU A 24 -5.74 30.23 -3.27
CA LEU A 24 -5.03 29.68 -2.12
C LEU A 24 -3.80 30.52 -1.82
N VAL A 25 -3.49 30.69 -0.55
CA VAL A 25 -2.18 31.24 -0.15
C VAL A 25 -1.42 30.17 0.60
N ILE A 26 -0.17 29.94 0.18
CA ILE A 26 0.68 28.92 0.79
C ILE A 26 1.92 29.56 1.41
N SER A 27 2.16 29.21 2.67
CA SER A 27 3.35 29.63 3.38
C SER A 27 4.06 28.41 3.97
N HIS A 28 5.33 28.22 3.55
CA HIS A 28 6.18 27.12 4.03
CA HIS A 28 6.19 27.11 4.00
C HIS A 28 5.49 25.75 4.00
N GLY A 29 4.90 25.41 2.86
CA GLY A 29 4.25 24.12 2.67
C GLY A 29 2.91 23.96 3.34
N LYS A 30 2.35 25.05 3.87
CA LYS A 30 1.01 25.00 4.49
C LYS A 30 0.06 26.04 3.91
N VAL A 31 -1.22 25.67 3.76
CA VAL A 31 -2.27 26.58 3.33
C VAL A 31 -2.58 27.57 4.46
N ILE A 32 -2.57 28.86 4.17
CA ILE A 32 -2.92 29.86 5.20
C ILE A 32 -4.17 30.68 4.88
N TYR A 33 -4.54 30.70 3.61
CA TYR A 33 -5.80 31.27 3.16
C TYR A 33 -6.37 30.41 2.03
N ALA A 34 -7.67 30.15 2.10
CA ALA A 34 -8.42 29.51 1.03
C ALA A 34 -9.68 30.34 0.83
N GLY A 35 -9.85 30.92 -0.36
CA GLY A 35 -11.02 31.75 -0.65
C GLY A 35 -10.98 32.42 -2.00
N ASP A 36 -11.34 33.70 -2.01
CA ASP A 36 -11.41 34.49 -3.24
CA ASP A 36 -11.41 34.47 -3.25
C ASP A 36 -10.03 34.72 -3.84
N SER A 37 -9.94 34.57 -5.16
CA SER A 37 -8.71 34.72 -5.93
C SER A 37 -8.06 36.11 -5.80
N GLU A 38 -8.88 37.16 -5.77
CA GLU A 38 -8.37 38.53 -5.64
C GLU A 38 -7.78 38.82 -4.26
N VAL A 39 -8.41 38.27 -3.22
CA VAL A 39 -7.92 38.39 -1.85
C VAL A 39 -6.57 37.68 -1.68
N ALA A 40 -6.46 36.48 -2.25
CA ALA A 40 -5.22 35.70 -2.23
C ALA A 40 -4.05 36.46 -2.88
N LYS A 41 -4.30 37.04 -4.05
CA LYS A 41 -3.30 37.81 -4.79
C LYS A 41 -2.88 39.06 -4.01
N LYS A 42 -3.83 39.69 -3.34
CA LYS A 42 -3.60 40.89 -2.55
C LYS A 42 -2.68 40.62 -1.36
N ILE A 43 -2.94 39.51 -0.66
CA ILE A 43 -2.13 39.06 0.48
C ILE A 43 -0.66 38.92 0.07
N VAL A 44 -0.42 38.22 -1.04
CA VAL A 44 0.93 37.93 -1.51
C VAL A 44 1.61 39.15 -2.14
N GLU A 45 0.81 40.11 -2.60
CA GLU A 45 1.36 41.39 -3.08
C GLU A 45 1.92 42.22 -1.93
N LEU A 46 1.19 42.27 -0.82
CA LEU A 46 1.61 42.99 0.38
C LEU A 46 2.82 42.34 1.05
N SER A 47 2.78 41.01 1.16
CA SER A 47 3.84 40.25 1.81
CA SER A 47 3.84 40.27 1.82
C SER A 47 5.09 40.14 0.95
N GLY A 48 4.89 40.13 -0.37
CA GLY A 48 5.97 39.84 -1.31
C GLY A 48 6.00 38.34 -1.53
N GLY A 49 6.15 37.94 -2.79
CA GLY A 49 6.19 36.52 -3.13
C GLY A 49 5.62 36.20 -4.51
N GLU A 50 5.59 34.91 -4.83
CA GLU A 50 5.21 34.45 -6.16
C GLU A 50 3.69 34.36 -6.30
N ILE A 51 3.17 34.84 -7.43
CA ILE A 51 1.76 34.67 -7.74
C ILE A 51 1.62 33.77 -8.96
N VAL A 52 1.04 32.59 -8.73
CA VAL A 52 0.90 31.57 -9.77
C VAL A 52 -0.50 31.65 -10.38
N ASP A 53 -0.54 31.98 -11.67
CA ASP A 53 -1.77 32.00 -12.44
C ASP A 53 -2.11 30.57 -12.85
N LEU A 54 -3.25 30.07 -12.37
CA LEU A 54 -3.67 28.71 -12.71
C LEU A 54 -4.24 28.60 -14.11
N LYS A 55 -4.63 29.75 -14.68
CA LYS A 55 -5.20 29.86 -16.03
C LYS A 55 -6.40 28.91 -16.24
N GLY A 56 -7.32 28.93 -15.27
CA GLY A 56 -8.52 28.10 -15.32
C GLY A 56 -8.36 26.64 -14.93
N LYS A 57 -7.14 26.19 -14.63
CA LYS A 57 -6.89 24.80 -14.26
C LYS A 57 -7.48 24.42 -12.90
N TYR A 58 -7.57 23.12 -12.65
CA TYR A 58 -8.24 22.60 -11.45
C TYR A 58 -7.22 22.09 -10.44
N VAL A 59 -7.52 22.25 -9.17
CA VAL A 59 -6.61 21.85 -8.08
C VAL A 59 -7.38 20.99 -7.08
N MET A 60 -6.79 19.85 -6.70
CA MET A 60 -7.40 19.00 -5.66
C MET A 60 -6.32 18.59 -4.65
N PRO A 61 -6.72 18.19 -3.42
CA PRO A 61 -5.71 17.60 -2.54
C PRO A 61 -5.06 16.39 -3.21
N ALA A 62 -3.76 16.22 -2.97
CA ALA A 62 -3.05 15.10 -3.59
C ALA A 62 -3.53 13.77 -3.02
N PHE A 63 -3.31 12.69 -3.76
CA PHE A 63 -3.67 11.37 -3.28
C PHE A 63 -2.78 10.97 -2.10
N PHE A 64 -3.37 10.19 -1.19
CA PHE A 64 -2.66 9.66 -0.03
C PHE A 64 -2.91 8.15 -0.06
N ASP A 65 -1.90 7.36 -0.38
CA ASP A 65 -2.06 5.92 -0.39
C ASP A 65 -1.81 5.41 1.02
N SER A 66 -2.86 4.94 1.68
CA SER A 66 -2.74 4.62 3.12
C SER A 66 -2.12 3.26 3.43
N HIS A 67 -1.64 2.53 2.41
CA HIS A 67 -1.04 1.20 2.65
C HIS A 67 -0.29 0.73 1.41
N LEU A 68 1.03 0.87 1.42
CA LEU A 68 1.85 0.27 0.38
C LEU A 68 3.24 -0.11 0.90
N HIS A 69 4.02 -0.74 0.03
CA HIS A 69 5.36 -1.18 0.36
C HIS A 69 6.32 -0.46 -0.57
N LEU A 70 6.90 0.63 -0.07
CA LEU A 70 7.74 1.52 -0.85
C LEU A 70 8.98 0.79 -1.37
N ASP A 71 9.60 -0.02 -0.51
CA ASP A 71 10.80 -0.76 -0.92
C ASP A 71 10.48 -1.83 -1.99
N GLU A 72 9.38 -2.55 -1.79
CA GLU A 72 8.96 -3.58 -2.74
C GLU A 72 8.51 -2.97 -4.07
N LEU A 73 7.93 -1.77 -4.02
CA LEU A 73 7.53 -1.08 -5.26
C LEU A 73 8.77 -0.72 -6.08
N GLY A 74 9.78 -0.19 -5.40
CA GLY A 74 11.07 0.10 -6.04
C GLY A 74 11.69 -1.12 -6.68
N MET A 75 11.68 -2.26 -5.96
CA MET A 75 12.22 -3.52 -6.47
CA MET A 75 12.21 -3.52 -6.47
C MET A 75 11.44 -3.98 -7.71
N SER A 76 10.11 -3.91 -7.63
CA SER A 76 9.23 -4.34 -8.72
CA SER A 76 9.23 -4.35 -8.72
CA SER A 76 9.21 -4.34 -8.71
C SER A 76 9.45 -3.54 -10.00
N LEU A 77 9.71 -2.24 -9.84
CA LEU A 77 9.97 -1.37 -10.99
C LEU A 77 11.30 -1.66 -11.69
N GLU A 78 12.22 -2.30 -10.97
CA GLU A 78 13.55 -2.66 -11.48
C GLU A 78 13.65 -4.11 -11.92
N MET A 79 12.66 -4.91 -11.54
CA MET A 79 12.63 -6.35 -11.82
C MET A 79 12.45 -6.64 -13.31
N VAL A 80 12.94 -7.79 -13.75
CA VAL A 80 12.68 -8.29 -15.09
C VAL A 80 11.27 -8.91 -15.14
N ASP A 81 10.46 -8.42 -16.07
CA ASP A 81 9.10 -8.90 -16.26
C ASP A 81 9.11 -10.13 -17.18
N LEU A 82 8.76 -11.29 -16.61
CA LEU A 82 8.77 -12.56 -17.34
C LEU A 82 7.35 -13.03 -17.71
N ARG A 83 6.35 -12.18 -17.47
CA ARG A 83 4.98 -12.52 -17.83
C ARG A 83 4.87 -12.65 -19.34
N GLY A 84 4.22 -13.72 -19.79
CA GLY A 84 4.06 -13.96 -21.22
C GLY A 84 5.24 -14.57 -21.94
N ALA A 85 6.34 -14.85 -21.24
CA ALA A 85 7.49 -15.54 -21.83
C ALA A 85 7.09 -16.96 -22.22
N LYS A 86 7.34 -17.30 -23.49
CA LYS A 86 6.79 -18.52 -24.09
C LYS A 86 7.78 -19.68 -24.20
N SER A 87 9.04 -19.43 -23.84
CA SER A 87 10.09 -20.45 -23.85
C SER A 87 11.18 -20.11 -22.86
N ILE A 88 11.97 -21.12 -22.48
CA ILE A 88 13.17 -20.91 -21.66
C ILE A 88 14.11 -19.92 -22.35
N GLU A 89 14.25 -20.07 -23.66
CA GLU A 89 15.06 -19.17 -24.50
C GLU A 89 14.66 -17.70 -24.33
N GLU A 90 13.36 -17.44 -24.41
CA GLU A 90 12.81 -16.09 -24.25
CA GLU A 90 12.82 -16.08 -24.25
C GLU A 90 13.08 -15.56 -22.84
N LEU A 91 12.88 -16.42 -21.86
CA LEU A 91 13.11 -16.12 -20.44
C LEU A 91 14.56 -15.70 -20.17
N ILE A 92 15.52 -16.47 -20.70
CA ILE A 92 16.95 -16.18 -20.52
C ILE A 92 17.33 -14.87 -21.23
N GLN A 93 16.74 -14.65 -22.40
CA GLN A 93 16.98 -13.44 -23.17
C GLN A 93 16.56 -12.19 -22.38
N ARG A 94 15.40 -12.26 -21.73
CA ARG A 94 14.89 -11.17 -20.88
C ARG A 94 15.79 -10.91 -19.68
N LEU A 95 16.21 -11.99 -19.01
CA LEU A 95 17.07 -11.88 -17.84
C LEU A 95 18.46 -11.31 -18.16
N LYS A 96 18.97 -11.62 -19.36
CA LYS A 96 20.25 -11.08 -19.83
C LYS A 96 20.22 -9.56 -20.08
N ARG A 97 19.04 -9.01 -20.32
CA ARG A 97 18.88 -7.57 -20.50
C ARG A 97 18.76 -6.82 -19.16
N GLY A 98 18.53 -7.56 -18.08
CA GLY A 98 18.38 -6.98 -16.74
C GLY A 98 19.65 -6.33 -16.22
N LYS A 99 19.49 -5.20 -15.52
CA LYS A 99 20.61 -4.46 -14.96
C LYS A 99 20.75 -4.65 -13.45
N GLY A 100 21.97 -4.51 -12.95
CA GLY A 100 22.22 -4.54 -11.51
C GLY A 100 23.04 -5.71 -11.03
N ARG A 101 23.39 -5.65 -9.74
CA ARG A 101 24.21 -6.66 -9.08
CA ARG A 101 24.21 -6.67 -9.08
C ARG A 101 23.52 -8.04 -9.09
N ILE A 102 22.26 -8.05 -8.68
CA ILE A 102 21.47 -9.27 -8.63
C ILE A 102 20.29 -9.06 -9.58
N ILE A 103 20.01 -10.07 -10.41
CA ILE A 103 18.91 -10.00 -11.35
C ILE A 103 17.68 -10.64 -10.73
N PHE A 104 16.70 -9.80 -10.39
CA PHE A 104 15.44 -10.25 -9.84
C PHE A 104 14.40 -10.24 -10.96
N GLY A 105 13.59 -11.29 -11.03
CA GLY A 105 12.54 -11.40 -12.03
C GLY A 105 11.25 -11.88 -11.41
N PHE A 106 10.15 -11.74 -12.15
CA PHE A 106 8.85 -12.14 -11.67
C PHE A 106 7.92 -12.50 -12.83
N GLY A 107 6.91 -13.30 -12.52
CA GLY A 107 5.78 -13.48 -13.44
C GLY A 107 5.83 -14.64 -14.41
N TRP A 108 6.87 -15.49 -14.34
CA TRP A 108 6.93 -16.64 -15.25
C TRP A 108 5.90 -17.69 -14.89
N ASP A 109 5.54 -18.53 -15.87
CA ASP A 109 4.55 -19.56 -15.68
C ASP A 109 4.95 -20.74 -16.55
N GLN A 110 5.04 -21.93 -15.92
CA GLN A 110 5.42 -23.16 -16.65
CA GLN A 110 5.41 -23.17 -16.63
C GLN A 110 4.41 -23.51 -17.75
N ASP A 111 3.16 -23.09 -17.56
CA ASP A 111 2.10 -23.30 -18.56
C ASP A 111 2.34 -22.51 -19.85
N GLU A 112 2.96 -21.34 -19.73
CA GLU A 112 3.35 -20.53 -20.89
C GLU A 112 4.68 -20.98 -21.50
N LEU A 113 5.61 -21.36 -20.63
CA LEU A 113 6.97 -21.75 -21.03
C LEU A 113 7.00 -23.14 -21.68
N GLY A 114 6.12 -24.03 -21.22
CA GLY A 114 6.12 -25.42 -21.67
C GLY A 114 6.75 -26.37 -20.66
N GLU A 115 7.44 -25.78 -19.68
CA GLU A 115 8.31 -26.49 -18.74
C GLU A 115 8.75 -25.54 -17.63
N TRP A 116 9.24 -26.08 -16.52
CA TRP A 116 9.77 -25.27 -15.42
C TRP A 116 11.17 -24.75 -15.74
N PRO A 117 11.48 -23.50 -15.36
CA PRO A 117 12.88 -23.08 -15.50
C PRO A 117 13.72 -23.73 -14.40
N THR A 118 15.02 -23.85 -14.63
CA THR A 118 15.89 -24.58 -13.69
C THR A 118 17.15 -23.79 -13.35
N ARG A 119 17.72 -24.11 -12.19
CA ARG A 119 19.04 -23.63 -11.74
C ARG A 119 20.11 -23.72 -12.83
N LYS A 120 20.20 -24.88 -13.48
CA LYS A 120 21.16 -25.10 -14.57
C LYS A 120 21.00 -24.12 -15.73
N GLU A 121 19.75 -23.91 -16.16
CA GLU A 121 19.45 -22.99 -17.26
C GLU A 121 19.79 -21.54 -16.90
N LEU A 122 19.53 -21.20 -15.64
CA LEU A 122 19.78 -19.85 -15.15
C LEU A 122 21.27 -19.58 -14.87
N ASN A 123 22.07 -20.65 -14.85
CA ASN A 123 23.54 -20.52 -14.76
C ASN A 123 24.16 -19.82 -15.96
N ALA A 124 23.41 -19.76 -17.07
CA ALA A 124 23.82 -19.04 -18.28
C ALA A 124 23.94 -17.53 -18.10
N ILE A 125 23.31 -16.99 -17.06
CA ILE A 125 23.45 -15.59 -16.70
C ILE A 125 24.56 -15.48 -15.65
N ASP A 126 25.55 -14.63 -15.92
CA ASP A 126 26.77 -14.54 -15.10
C ASP A 126 26.60 -13.65 -13.85
N LYS A 127 25.39 -13.68 -13.28
CA LYS A 127 25.02 -12.88 -12.11
C LYS A 127 24.11 -13.72 -11.24
N PRO A 128 24.01 -13.38 -9.93
CA PRO A 128 22.97 -14.06 -9.13
C PRO A 128 21.60 -13.74 -9.72
N VAL A 129 20.79 -14.78 -9.90
CA VAL A 129 19.45 -14.67 -10.51
C VAL A 129 18.46 -15.31 -9.56
N PHE A 130 17.37 -14.60 -9.27
CA PHE A 130 16.29 -15.10 -8.44
C PHE A 130 14.98 -14.72 -9.13
N ILE A 131 14.19 -15.72 -9.55
CA ILE A 131 12.99 -15.42 -10.35
C ILE A 131 11.71 -16.00 -9.75
N TYR A 132 10.78 -15.08 -9.42
CA TYR A 132 9.50 -15.47 -8.88
C TYR A 132 8.58 -15.99 -9.98
N ARG A 133 7.91 -17.10 -9.68
CA ARG A 133 6.76 -17.55 -10.49
C ARG A 133 5.63 -16.54 -10.31
N LYS A 134 4.79 -16.44 -11.33
CA LYS A 134 3.46 -15.85 -11.24
C LYS A 134 2.83 -16.22 -9.89
N CYS A 135 2.30 -15.22 -9.19
CA CYS A 135 1.65 -15.37 -7.85
C CYS A 135 2.60 -15.44 -6.65
N PHE A 136 3.91 -15.44 -6.92
CA PHE A 136 4.96 -15.24 -5.92
C PHE A 136 5.01 -16.28 -4.79
N HIS A 137 4.58 -17.52 -5.07
CA HIS A 137 4.63 -18.58 -4.06
C HIS A 137 5.76 -19.59 -4.33
N VAL A 138 6.41 -19.43 -5.48
CA VAL A 138 7.53 -20.29 -5.88
C VAL A 138 8.58 -19.41 -6.57
N ALA A 139 9.85 -19.75 -6.38
CA ALA A 139 10.94 -19.11 -7.11
C ALA A 139 12.00 -20.11 -7.54
N VAL A 140 12.78 -19.72 -8.55
CA VAL A 140 13.93 -20.50 -8.98
C VAL A 140 15.17 -19.60 -8.93
N ALA A 141 16.29 -20.17 -8.52
CA ALA A 141 17.54 -19.45 -8.42
C ALA A 141 18.71 -20.22 -9.04
N ASN A 142 19.68 -19.49 -9.62
CA ASN A 142 20.92 -20.11 -10.10
C ASN A 142 21.95 -20.33 -8.97
N ASP A 143 23.10 -20.90 -9.32
CA ASP A 143 24.18 -21.24 -8.37
C ASP A 143 24.62 -20.05 -7.51
N LYS A 144 24.92 -18.94 -8.18
CA LYS A 144 25.42 -17.72 -7.53
C LYS A 144 24.46 -17.16 -6.49
N MET A 145 23.17 -17.20 -6.80
CA MET A 145 22.16 -16.70 -5.90
C MET A 145 22.00 -17.66 -4.73
N LEU A 146 22.07 -18.96 -5.01
CA LEU A 146 21.94 -19.97 -3.97
C LEU A 146 23.11 -19.91 -2.98
N GLU A 147 24.28 -19.53 -3.49
CA GLU A 147 25.46 -19.30 -2.65
C GLU A 147 25.19 -18.16 -1.67
N LEU A 148 24.66 -17.05 -2.19
CA LEU A 148 24.29 -15.90 -1.35
C LEU A 148 23.21 -16.23 -0.33
N LEU A 149 22.26 -17.09 -0.72
CA LEU A 149 21.11 -17.35 0.13
C LEU A 149 21.43 -18.30 1.28
N ASN A 150 22.26 -19.30 0.99
CA ASN A 150 22.64 -20.33 1.97
C ASN A 150 21.43 -20.86 2.75
N LEU A 151 20.44 -21.36 1.99
CA LEU A 151 19.17 -21.82 2.54
C LEU A 151 19.32 -23.10 3.33
N THR A 152 18.49 -23.25 4.36
CA THR A 152 18.46 -24.46 5.18
C THR A 152 17.89 -25.60 4.32
N PRO A 153 18.59 -26.76 4.29
CA PRO A 153 18.08 -27.95 3.60
C PRO A 153 16.70 -28.37 4.10
N SER A 154 15.77 -28.55 3.16
CA SER A 154 14.43 -29.06 3.45
C SER A 154 13.76 -29.61 2.19
N LYS A 155 12.58 -30.21 2.36
CA LYS A 155 11.77 -30.71 1.22
C LYS A 155 11.23 -29.58 0.33
N ASP A 156 11.15 -28.37 0.90
CA ASP A 156 10.70 -27.18 0.18
C ASP A 156 11.80 -26.48 -0.62
N PHE A 157 13.02 -26.99 -0.51
CA PHE A 157 14.15 -26.48 -1.27
C PHE A 157 14.81 -27.63 -2.03
N ASP A 158 14.58 -27.67 -3.34
CA ASP A 158 15.18 -28.66 -4.20
C ASP A 158 16.48 -28.08 -4.75
N GLU A 159 17.59 -28.63 -4.29
CA GLU A 159 18.90 -28.06 -4.56
C GLU A 159 19.35 -28.28 -6.00
N ASP A 160 18.90 -29.38 -6.61
CA ASP A 160 19.27 -29.71 -7.98
C ASP A 160 18.57 -28.84 -9.03
N THR A 161 17.26 -28.66 -8.88
CA THR A 161 16.46 -27.88 -9.83
C THR A 161 16.44 -26.40 -9.50
N GLY A 162 16.80 -26.06 -8.26
CA GLY A 162 16.85 -24.67 -7.80
C GLY A 162 15.50 -24.11 -7.38
N ILE A 163 14.53 -25.00 -7.21
CA ILE A 163 13.14 -24.62 -6.90
C ILE A 163 12.92 -24.43 -5.40
N ILE A 164 12.44 -23.24 -5.05
CA ILE A 164 12.27 -22.81 -3.68
C ILE A 164 10.79 -22.47 -3.46
N LYS A 165 10.18 -23.09 -2.47
CA LYS A 165 8.75 -22.90 -2.21
C LYS A 165 8.42 -22.94 -0.72
N GLU A 166 7.18 -22.60 -0.38
CA GLU A 166 6.64 -22.65 0.99
C GLU A 166 7.54 -21.93 2.01
N LYS A 167 8.01 -22.66 3.03
CA LYS A 167 8.78 -22.02 4.09
C LYS A 167 10.22 -21.71 3.69
N SER A 168 10.74 -22.41 2.67
CA SER A 168 12.05 -22.10 2.10
C SER A 168 12.03 -20.77 1.34
N LEU A 169 10.88 -20.45 0.73
CA LEU A 169 10.69 -19.17 0.06
C LEU A 169 10.57 -18.05 1.07
N GLU A 170 9.88 -18.34 2.18
CA GLU A 170 9.79 -17.45 3.32
CA GLU A 170 9.80 -17.42 3.30
C GLU A 170 11.19 -17.14 3.85
N GLU A 171 12.03 -18.17 3.93
CA GLU A 171 13.42 -18.00 4.37
C GLU A 171 14.21 -17.16 3.36
N ALA A 172 14.06 -17.49 2.07
CA ALA A 172 14.76 -16.77 1.02
C ALA A 172 14.41 -15.28 1.00
N ARG A 173 13.17 -14.96 1.27
CA ARG A 173 12.75 -13.59 1.25
CA ARG A 173 12.74 -13.58 1.24
C ARG A 173 13.32 -12.84 2.42
N LYS A 174 13.31 -13.47 3.58
CA LYS A 174 13.90 -12.91 4.80
C LYS A 174 15.40 -12.63 4.60
N VAL A 175 16.10 -13.60 4.00
CA VAL A 175 17.54 -13.48 3.74
C VAL A 175 17.86 -12.36 2.73
N ILE A 176 17.07 -12.29 1.66
CA ILE A 176 17.18 -11.20 0.70
C ILE A 176 16.98 -9.85 1.41
N ASN A 177 15.91 -9.75 2.18
CA ASN A 177 15.56 -8.47 2.82
C ASN A 177 16.51 -8.00 3.93
N GLU A 178 17.08 -8.96 4.66
CA GLU A 178 17.90 -8.63 5.83
C GLU A 178 19.40 -8.67 5.53
N ARG A 179 19.82 -9.55 4.64
CA ARG A 179 21.24 -9.80 4.45
C ARG A 179 21.75 -9.45 3.06
N VAL A 180 21.04 -9.89 2.02
CA VAL A 180 21.52 -9.75 0.65
C VAL A 180 21.46 -8.31 0.13
N LEU A 181 20.33 -7.64 0.37
CA LEU A 181 20.19 -6.24 0.01
C LEU A 181 20.91 -5.39 1.04
N THR A 182 21.56 -4.32 0.57
CA THR A 182 22.25 -3.36 1.44
C THR A 182 21.35 -2.16 1.67
N VAL A 183 21.69 -1.31 2.64
CA VAL A 183 20.98 -0.04 2.83
C VAL A 183 20.97 0.80 1.55
N GLU A 184 22.11 0.82 0.83
CA GLU A 184 22.22 1.55 -0.43
CA GLU A 184 22.23 1.52 -0.44
C GLU A 184 21.20 1.05 -1.47
N ASP A 185 20.95 -0.26 -1.49
CA ASP A 185 19.92 -0.85 -2.36
C ASP A 185 18.53 -0.33 -2.00
N TYR A 186 18.23 -0.31 -0.71
CA TYR A 186 16.96 0.22 -0.20
C TYR A 186 16.79 1.70 -0.51
N VAL A 187 17.86 2.49 -0.39
CA VAL A 187 17.81 3.91 -0.75
C VAL A 187 17.42 4.03 -2.24
N TYR A 188 18.07 3.26 -3.09
CA TYR A 188 17.80 3.23 -4.53
C TYR A 188 16.34 2.84 -4.82
N TYR A 189 15.87 1.76 -4.19
CA TYR A 189 14.49 1.29 -4.39
C TYR A 189 13.45 2.30 -3.93
N ILE A 190 13.68 2.91 -2.77
CA ILE A 190 12.73 3.91 -2.23
C ILE A 190 12.70 5.16 -3.11
N LYS A 191 13.86 5.59 -3.58
CA LYS A 191 13.93 6.74 -4.51
C LYS A 191 13.16 6.44 -5.80
N ARG A 192 13.31 5.26 -6.34
CA ARG A 192 12.58 4.89 -7.50
C ARG A 192 11.08 4.86 -7.27
N ALA A 193 10.67 4.26 -6.17
CA ALA A 193 9.26 4.20 -5.81
C ALA A 193 8.61 5.57 -5.61
N GLN A 194 9.26 6.45 -4.84
CA GLN A 194 8.69 7.77 -4.56
C GLN A 194 8.55 8.65 -5.81
N GLU A 195 9.49 8.53 -6.76
CA GLU A 195 9.39 9.30 -8.00
C GLU A 195 8.25 8.80 -8.88
N HIS A 196 8.04 7.47 -8.86
CA HIS A 196 6.91 6.82 -9.52
C HIS A 196 5.59 7.30 -8.94
N LEU A 197 5.50 7.34 -7.60
CA LEU A 197 4.29 7.79 -6.91
C LEU A 197 4.02 9.27 -7.13
N LEU A 198 5.08 10.08 -7.04
CA LEU A 198 4.96 11.53 -7.22
C LEU A 198 4.45 11.85 -8.62
N ASP A 199 4.95 11.12 -9.62
CA ASP A 199 4.47 11.29 -11.01
C ASP A 199 3.00 10.93 -11.19
N LEU A 200 2.50 10.07 -10.29
CA LEU A 200 1.10 9.66 -10.31
C LEU A 200 0.18 10.57 -9.48
N GLY A 201 0.76 11.56 -8.82
CA GLY A 201 -0.03 12.45 -7.95
C GLY A 201 -0.23 11.94 -6.52
N VAL A 202 0.51 10.90 -6.14
CA VAL A 202 0.44 10.37 -4.77
C VAL A 202 1.57 11.01 -3.97
N LYS A 203 1.21 11.93 -3.06
CA LYS A 203 2.23 12.72 -2.37
C LYS A 203 2.44 12.35 -0.91
N SER A 204 1.63 11.42 -0.41
CA SER A 204 1.76 10.92 0.96
C SER A 204 1.43 9.43 0.98
N VAL A 205 2.13 8.66 1.82
CA VAL A 205 1.88 7.22 1.93
C VAL A 205 2.01 6.76 3.37
N SER A 206 1.32 5.67 3.72
CA SER A 206 1.74 4.84 4.84
C SER A 206 2.51 3.66 4.30
N PHE A 207 3.77 3.57 4.70
CA PHE A 207 4.70 2.53 4.26
C PHE A 207 4.62 1.45 5.33
N MET A 208 4.05 0.30 4.96
CA MET A 208 3.80 -0.82 5.88
C MET A 208 4.92 -1.85 5.91
N SER A 209 5.19 -2.38 7.11
CA SER A 209 6.27 -3.36 7.38
C SER A 209 7.63 -2.84 6.98
N VAL A 210 7.98 -1.69 7.53
CA VAL A 210 9.31 -1.13 7.35
C VAL A 210 10.27 -1.98 8.19
N ASN A 211 11.22 -2.64 7.53
CA ASN A 211 12.22 -3.44 8.24
C ASN A 211 13.45 -2.59 8.63
N GLU A 212 14.50 -3.25 9.12
CA GLU A 212 15.66 -2.55 9.69
C GLU A 212 16.39 -1.70 8.66
N LYS A 213 16.69 -2.30 7.50
CA LYS A 213 17.39 -1.58 6.45
C LYS A 213 16.55 -0.53 5.71
N ALA A 214 15.26 -0.80 5.55
CA ALA A 214 14.35 0.20 4.97
C ALA A 214 14.28 1.41 5.91
N LEU A 215 14.23 1.16 7.21
CA LEU A 215 14.24 2.27 8.18
C LEU A 215 15.53 3.08 8.11
N ARG A 216 16.69 2.41 8.04
CA ARG A 216 17.97 3.12 7.87
C ARG A 216 17.97 3.99 6.61
N ALA A 217 17.44 3.45 5.51
CA ALA A 217 17.33 4.16 4.25
C ALA A 217 16.43 5.39 4.38
N LEU A 218 15.28 5.22 5.04
CA LEU A 218 14.35 6.32 5.26
C LEU A 218 14.97 7.45 6.07
N PHE A 219 15.66 7.11 7.16
CA PHE A 219 16.40 8.07 7.98
C PHE A 219 17.45 8.82 7.15
N TYR A 220 18.18 8.10 6.32
CA TYR A 220 19.16 8.70 5.41
C TYR A 220 18.50 9.73 4.47
N LEU A 221 17.44 9.31 3.78
CA LEU A 221 16.75 10.18 2.83
C LEU A 221 16.16 11.43 3.48
N GLU A 222 15.55 11.25 4.66
CA GLU A 222 15.06 12.37 5.47
C GLU A 222 16.15 13.40 5.83
N ARG A 223 17.32 12.95 6.32
CA ARG A 223 18.39 13.87 6.71
CA ARG A 223 18.37 13.90 6.71
C ARG A 223 19.05 14.56 5.50
N GLU A 224 19.08 13.86 4.36
CA GLU A 224 19.60 14.44 3.11
C GLU A 224 18.58 15.34 2.40
N GLY A 225 17.35 15.38 2.90
CA GLY A 225 16.27 16.12 2.27
C GLY A 225 15.92 15.55 0.89
N LYS A 226 16.06 14.23 0.75
CA LYS A 226 15.80 13.55 -0.52
C LYS A 226 14.54 12.69 -0.48
N LEU A 227 13.76 12.81 0.60
CA LEU A 227 12.41 12.24 0.63
C LEU A 227 11.44 13.23 0.00
N SER A 228 10.82 12.84 -1.11
CA SER A 228 10.02 13.77 -1.88
C SER A 228 8.52 13.63 -1.63
N ILE A 229 8.15 12.65 -0.81
CA ILE A 229 6.75 12.41 -0.43
C ILE A 229 6.69 12.23 1.11
N ASN A 230 5.52 12.47 1.69
CA ASN A 230 5.31 12.19 3.11
C ASN A 230 5.21 10.69 3.34
N VAL A 231 5.99 10.19 4.30
CA VAL A 231 6.05 8.77 4.58
C VAL A 231 5.69 8.52 6.03
N PHE A 232 4.61 7.79 6.26
CA PHE A 232 4.22 7.37 7.60
C PHE A 232 4.65 5.90 7.76
N ALA A 233 5.76 5.70 8.47
CA ALA A 233 6.39 4.38 8.58
C ALA A 233 5.72 3.50 9.63
N TYR A 234 5.22 2.35 9.19
CA TYR A 234 4.72 1.33 10.11
C TYR A 234 5.73 0.20 10.11
N VAL A 235 6.46 0.09 11.22
CA VAL A 235 7.57 -0.83 11.32
C VAL A 235 7.15 -2.27 11.65
N THR A 236 8.06 -3.21 11.41
CA THR A 236 7.85 -4.60 11.80
C THR A 236 8.01 -4.69 13.33
N PRO A 237 7.43 -5.72 13.98
CA PRO A 237 7.69 -5.96 15.40
C PRO A 237 9.17 -6.03 15.81
N GLU A 238 10.01 -6.56 14.92
CA GLU A 238 11.44 -6.66 15.18
C GLU A 238 12.06 -5.26 15.26
N VAL A 239 11.66 -4.38 14.35
CA VAL A 239 12.11 -2.98 14.42
C VAL A 239 11.55 -2.25 15.63
N LEU A 240 10.31 -2.53 15.99
CA LEU A 240 9.70 -1.92 17.17
C LEU A 240 10.54 -2.19 18.43
N ASP A 241 11.06 -3.41 18.56
CA ASP A 241 11.97 -3.73 19.69
C ASP A 241 13.17 -2.79 19.75
N LYS A 242 13.71 -2.46 18.58
CA LYS A 242 14.85 -1.57 18.49
C LYS A 242 14.48 -0.11 18.79
N LEU A 243 13.29 0.31 18.36
CA LEU A 243 12.77 1.64 18.73
C LEU A 243 12.66 1.77 20.24
N GLU A 244 12.06 0.76 20.86
CA GLU A 244 11.88 0.69 22.31
C GLU A 244 13.20 0.82 23.08
N SER A 245 14.27 0.24 22.55
CA SER A 245 15.59 0.30 23.17
C SER A 245 16.16 1.71 23.34
N ILE A 246 15.74 2.67 22.53
CA ILE A 246 16.11 4.06 22.75
C ILE A 246 14.95 4.94 23.19
N GLY A 247 13.75 4.36 23.25
CA GLY A 247 12.56 5.11 23.67
C GLY A 247 11.96 5.93 22.55
N LEU A 248 12.31 5.61 21.30
CA LEU A 248 11.76 6.33 20.15
C LEU A 248 10.34 5.84 19.85
N GLY A 249 9.36 6.73 20.02
CA GLY A 249 7.98 6.42 19.65
C GLY A 249 7.54 7.25 18.46
N ARG A 250 6.29 7.73 18.46
CA ARG A 250 5.85 8.60 17.36
CA ARG A 250 5.84 8.60 17.38
C ARG A 250 6.77 9.81 17.29
N PHE A 251 7.22 10.11 16.07
CA PHE A 251 8.16 11.19 15.82
CA PHE A 251 8.13 11.21 15.83
C PHE A 251 7.89 11.71 14.42
N GLN A 252 7.52 12.99 14.34
CA GLN A 252 7.18 13.59 13.07
CA GLN A 252 7.17 13.62 13.08
C GLN A 252 8.32 14.52 12.63
N GLY A 253 8.99 14.12 11.56
CA GLY A 253 10.05 14.93 10.97
C GLY A 253 9.48 15.79 9.86
N ASN A 254 10.34 16.15 8.91
CA ASN A 254 9.94 16.96 7.78
C ASN A 254 9.05 16.19 6.81
N ARG A 255 9.54 15.04 6.36
CA ARG A 255 8.77 14.18 5.47
C ARG A 255 8.49 12.81 6.10
N LEU A 256 9.40 12.36 6.95
CA LEU A 256 9.29 11.04 7.59
C LEU A 256 8.62 11.15 8.96
N THR A 257 7.61 10.31 9.16
CA THR A 257 7.00 10.10 10.47
C THR A 257 7.23 8.65 10.89
N ILE A 258 7.80 8.46 12.08
CA ILE A 258 7.78 7.13 12.71
C ILE A 258 6.37 7.02 13.25
N ALA A 259 5.54 6.22 12.60
CA ALA A 259 4.09 6.29 12.81
C ALA A 259 3.51 5.14 13.66
N GLY A 260 3.99 3.93 13.46
CA GLY A 260 3.34 2.77 14.09
C GLY A 260 4.05 1.45 13.88
N VAL A 261 3.35 0.38 14.24
CA VAL A 261 3.81 -0.99 14.01
C VAL A 261 2.75 -1.70 13.15
N LYS A 262 3.19 -2.66 12.34
CA LYS A 262 2.29 -3.45 11.52
C LYS A 262 2.26 -4.91 12.00
N LEU A 263 1.05 -5.40 12.26
CA LEU A 263 0.81 -6.78 12.70
C LEU A 263 -0.10 -7.55 11.74
N PHE A 264 -0.08 -8.88 11.87
CA PHE A 264 -0.86 -9.78 11.01
C PHE A 264 -1.69 -10.73 11.86
N THR A 265 -2.95 -10.91 11.49
CA THR A 265 -3.74 -12.00 12.06
C THR A 265 -3.76 -13.21 11.13
N ASP A 266 -3.92 -12.98 9.83
CA ASP A 266 -4.09 -14.09 8.87
C ASP A 266 -3.36 -13.92 7.54
N GLY A 267 -3.60 -14.82 6.61
CA GLY A 267 -3.00 -14.74 5.28
C GLY A 267 -3.95 -14.11 4.30
N SER A 268 -4.06 -14.72 3.12
CA SER A 268 -4.85 -14.15 2.04
C SER A 268 -5.89 -15.14 1.50
N LEU A 269 -6.91 -14.61 0.85
CA LEU A 269 -7.95 -15.46 0.25
C LEU A 269 -7.45 -16.28 -0.93
N GLY A 270 -6.52 -15.71 -1.69
CA GLY A 270 -5.92 -16.40 -2.84
C GLY A 270 -5.27 -17.72 -2.49
N ALA A 271 -4.45 -17.69 -1.43
CA ALA A 271 -3.73 -18.86 -0.96
C ALA A 271 -4.57 -19.70 0.01
N ARG A 272 -5.78 -19.22 0.30
CA ARG A 272 -6.69 -19.83 1.30
C ARG A 272 -6.09 -19.86 2.71
N THR A 273 -5.34 -18.81 3.04
CA THR A 273 -4.71 -18.68 4.35
C THR A 273 -5.39 -17.60 5.20
N ALA A 274 -6.33 -16.88 4.59
CA ALA A 274 -7.18 -15.95 5.32
C ALA A 274 -8.11 -16.73 6.22
N LEU A 275 -8.30 -16.24 7.44
CA LEU A 275 -8.99 -17.02 8.48
C LEU A 275 -10.50 -16.76 8.49
N LEU A 276 -11.26 -17.79 8.14
CA LEU A 276 -12.72 -17.70 8.01
C LEU A 276 -13.43 -18.38 9.19
N SER A 277 -14.68 -18.00 9.44
CA SER A 277 -15.47 -18.65 10.50
CA SER A 277 -15.49 -18.64 10.50
C SER A 277 -16.08 -19.98 10.06
N LYS A 278 -16.12 -20.23 8.75
CA LYS A 278 -16.58 -21.51 8.17
C LYS A 278 -15.60 -21.89 7.06
N PRO A 279 -15.48 -23.20 6.73
CA PRO A 279 -14.50 -23.56 5.71
C PRO A 279 -14.66 -22.88 4.34
N TYR A 280 -13.58 -22.87 3.56
CA TYR A 280 -13.59 -22.32 2.20
C TYR A 280 -14.59 -23.06 1.33
N SER A 281 -15.26 -22.33 0.46
CA SER A 281 -16.28 -22.93 -0.41
C SER A 281 -15.69 -23.85 -1.48
N ASP A 282 -14.46 -23.57 -1.90
CA ASP A 282 -13.78 -24.43 -2.89
C ASP A 282 -12.69 -25.31 -2.29
N ASP A 283 -12.60 -25.31 -0.96
CA ASP A 283 -11.74 -26.24 -0.22
C ASP A 283 -12.32 -26.42 1.18
N PRO A 284 -13.25 -27.39 1.31
CA PRO A 284 -13.94 -27.61 2.59
C PRO A 284 -13.04 -28.19 3.69
N SER A 285 -11.81 -28.55 3.35
CA SER A 285 -10.87 -29.12 4.32
C SER A 285 -10.14 -28.06 5.15
N THR A 286 -10.26 -26.79 4.76
CA THR A 286 -9.51 -25.71 5.44
C THR A 286 -10.34 -24.47 5.71
N SER A 287 -9.97 -23.76 6.79
CA SER A 287 -10.62 -22.51 7.16
C SER A 287 -9.61 -21.35 7.24
N GLY A 288 -8.39 -21.60 6.79
CA GLY A 288 -7.35 -20.59 6.75
C GLY A 288 -6.38 -20.74 7.89
N GLN A 289 -5.61 -19.69 8.17
CA GLN A 289 -4.47 -19.84 9.06
C GLN A 289 -4.21 -18.56 9.86
N LEU A 290 -4.32 -18.70 11.19
CA LEU A 290 -3.97 -17.64 12.12
C LEU A 290 -2.46 -17.55 12.24
N VAL A 291 -1.94 -16.34 11.98
CA VAL A 291 -0.50 -16.07 11.92
C VAL A 291 0.08 -15.85 13.32
N MET A 292 -0.67 -15.17 14.17
CA MET A 292 -0.23 -14.81 15.51
C MET A 292 -1.45 -14.91 16.42
N GLU A 293 -1.25 -15.41 17.64
CA GLU A 293 -2.33 -15.54 18.63
C GLU A 293 -2.60 -14.21 19.32
N ARG A 294 -3.77 -14.08 19.94
CA ARG A 294 -4.19 -12.84 20.60
C ARG A 294 -3.18 -12.33 21.62
N GLU A 295 -2.69 -13.22 22.50
CA GLU A 295 -1.76 -12.79 23.56
C GLU A 295 -0.53 -12.07 23.00
N GLU A 296 0.09 -12.62 21.95
CA GLU A 296 1.24 -11.99 21.32
C GLU A 296 0.88 -10.70 20.59
N LEU A 297 -0.27 -10.69 19.92
CA LEU A 297 -0.76 -9.48 19.26
C LEU A 297 -1.01 -8.35 20.28
N ILE A 298 -1.58 -8.70 21.43
CA ILE A 298 -1.84 -7.73 22.50
C ILE A 298 -0.54 -7.20 23.08
N ARG A 299 0.42 -8.09 23.30
CA ARG A 299 1.73 -7.69 23.83
C ARG A 299 2.44 -6.67 22.93
N ILE A 300 2.43 -6.92 21.62
CA ILE A 300 3.07 -6.00 20.68
C ILE A 300 2.31 -4.66 20.62
N THR A 301 0.98 -4.74 20.59
CA THR A 301 0.11 -3.57 20.63
C THR A 301 0.43 -2.69 21.86
N GLU A 302 0.55 -3.31 23.03
CA GLU A 302 0.86 -2.57 24.25
C GLU A 302 2.26 -1.96 24.27
N LYS A 303 3.23 -2.67 23.72
CA LYS A 303 4.58 -2.14 23.53
CA LYS A 303 4.58 -2.13 23.56
C LYS A 303 4.54 -0.88 22.67
N ALA A 304 3.83 -0.97 21.54
CA ALA A 304 3.65 0.19 20.65
C ALA A 304 2.94 1.35 21.34
N ARG A 305 1.87 1.05 22.09
CA ARG A 305 1.08 2.08 22.75
C ARG A 305 1.86 2.79 23.87
N SER A 306 2.78 2.07 24.49
CA SER A 306 3.68 2.65 25.49
C SER A 306 4.63 3.69 24.86
N LEU A 307 4.73 3.68 23.54
CA LEU A 307 5.54 4.64 22.78
C LEU A 307 4.70 5.61 21.96
N GLY A 308 3.39 5.61 22.19
CA GLY A 308 2.46 6.47 21.47
C GLY A 308 2.36 6.15 19.98
N LEU A 309 2.74 4.93 19.61
CA LEU A 309 2.73 4.51 18.21
C LEU A 309 1.40 3.92 17.81
N ASP A 310 1.03 4.11 16.54
CA ASP A 310 -0.19 3.51 16.00
C ASP A 310 0.00 1.99 15.83
N VAL A 311 -1.10 1.28 15.72
CA VAL A 311 -1.06 -0.16 15.53
C VAL A 311 -1.99 -0.52 14.36
N ALA A 312 -1.42 -1.12 13.32
CA ALA A 312 -2.17 -1.57 12.16
C ALA A 312 -2.16 -3.08 12.12
N ILE A 313 -3.35 -3.66 11.99
CA ILE A 313 -3.48 -5.11 11.94
C ILE A 313 -4.11 -5.57 10.61
N HIS A 314 -3.37 -6.37 9.87
CA HIS A 314 -3.88 -7.08 8.69
C HIS A 314 -4.94 -8.08 9.12
N ALA A 315 -6.14 -7.96 8.56
CA ALA A 315 -7.20 -8.96 8.73
C ALA A 315 -8.00 -9.08 7.44
N ILE A 316 -7.87 -10.21 6.75
CA ILE A 316 -8.58 -10.44 5.50
C ILE A 316 -9.86 -11.26 5.77
N GLY A 317 -9.71 -12.41 6.41
CA GLY A 317 -10.86 -13.27 6.72
C GLY A 317 -11.75 -12.69 7.79
N ASP A 318 -12.99 -13.16 7.86
CA ASP A 318 -13.94 -12.62 8.83
C ASP A 318 -13.62 -13.03 10.27
N LYS A 319 -13.06 -14.23 10.45
CA LYS A 319 -12.63 -14.64 11.79
C LYS A 319 -11.37 -13.89 12.22
N ALA A 320 -10.48 -13.61 11.28
CA ALA A 320 -9.29 -12.80 11.54
C ALA A 320 -9.68 -11.42 12.03
N LEU A 321 -10.76 -10.87 11.45
CA LEU A 321 -11.31 -9.61 11.88
C LEU A 321 -11.80 -9.65 13.33
N ASP A 322 -12.45 -10.75 13.72
CA ASP A 322 -12.85 -10.96 15.13
C ASP A 322 -11.63 -10.86 16.04
N VAL A 323 -10.55 -11.54 15.65
CA VAL A 323 -9.29 -11.55 16.38
C VAL A 323 -8.71 -10.14 16.49
N ALA A 324 -8.66 -9.42 15.36
CA ALA A 324 -8.17 -8.03 15.35
C ALA A 324 -9.01 -7.13 16.24
N LEU A 325 -10.34 -7.29 16.15
CA LEU A 325 -11.22 -6.48 16.97
C LEU A 325 -11.09 -6.82 18.47
N ASP A 326 -10.82 -8.10 18.78
CA ASP A 326 -10.54 -8.54 20.15
C ASP A 326 -9.32 -7.83 20.73
N VAL A 327 -8.27 -7.70 19.92
CA VAL A 327 -7.02 -7.02 20.32
C VAL A 327 -7.31 -5.55 20.65
N PHE A 328 -8.02 -4.87 19.76
CA PHE A 328 -8.37 -3.46 19.97
C PHE A 328 -9.33 -3.22 21.14
N GLU A 329 -10.24 -4.17 21.37
CA GLU A 329 -11.16 -4.06 22.50
C GLU A 329 -10.41 -4.18 23.83
N THR A 330 -9.56 -5.19 23.95
CA THR A 330 -8.81 -5.49 25.17
CA THR A 330 -8.88 -5.42 25.22
C THR A 330 -7.82 -4.37 25.55
N THR A 331 -7.19 -3.79 24.55
CA THR A 331 -6.19 -2.75 24.79
C THR A 331 -6.85 -1.38 24.95
N GLY A 332 -8.13 -1.31 24.61
CA GLY A 332 -8.87 -0.06 24.59
C GLY A 332 -8.35 0.95 23.59
N PHE A 333 -7.69 0.48 22.53
CA PHE A 333 -7.12 1.38 21.54
C PHE A 333 -7.86 1.28 20.21
N PRO A 334 -8.42 2.42 19.72
CA PRO A 334 -9.03 2.41 18.39
C PRO A 334 -7.94 2.41 17.30
N GLY A 335 -7.45 1.22 16.96
CA GLY A 335 -6.41 1.07 15.96
C GLY A 335 -6.92 1.07 14.54
N ARG A 336 -6.06 0.64 13.63
CA ARG A 336 -6.47 0.52 12.23
C ARG A 336 -6.42 -0.92 11.76
N ILE A 337 -7.35 -1.26 10.89
CA ILE A 337 -7.37 -2.59 10.30
CA ILE A 337 -7.42 -2.60 10.28
C ILE A 337 -7.08 -2.46 8.80
N GLU A 338 -6.19 -3.33 8.31
CA GLU A 338 -5.81 -3.36 6.92
C GLU A 338 -6.59 -4.46 6.20
N HIS A 339 -7.09 -4.10 5.01
CA HIS A 339 -7.88 -4.93 4.09
C HIS A 339 -9.36 -4.97 4.44
N ALA A 340 -9.68 -5.59 5.58
CA ALA A 340 -11.07 -5.81 6.03
C ALA A 340 -11.92 -6.41 4.89
N SER A 341 -11.38 -7.45 4.26
CA SER A 341 -11.91 -7.97 3.00
C SER A 341 -13.26 -8.67 3.13
N LEU A 342 -13.46 -9.30 4.28
CA LEU A 342 -14.70 -10.02 4.58
C LEU A 342 -15.21 -9.54 5.94
N VAL A 343 -16.31 -8.81 5.93
CA VAL A 343 -16.92 -8.27 7.15
C VAL A 343 -18.39 -8.71 7.21
N ARG A 344 -18.76 -9.43 8.27
CA ARG A 344 -20.14 -9.88 8.47
C ARG A 344 -21.03 -8.73 8.91
N ASP A 345 -22.36 -8.86 8.73
CA ASP A 345 -23.31 -7.83 9.17
C ASP A 345 -23.18 -7.51 10.67
N ASP A 346 -22.90 -8.52 11.49
CA ASP A 346 -22.74 -8.35 12.93
C ASP A 346 -21.44 -7.61 13.32
N GLN A 347 -20.43 -7.71 12.46
CA GLN A 347 -19.15 -7.06 12.71
C GLN A 347 -19.16 -5.56 12.41
N LEU A 348 -20.14 -5.11 11.63
CA LEU A 348 -20.29 -3.70 11.28
C LEU A 348 -20.52 -2.84 12.52
N GLU A 349 -21.38 -3.30 13.42
CA GLU A 349 -21.66 -2.55 14.65
C GLU A 349 -20.46 -2.59 15.62
N ARG A 350 -19.73 -3.70 15.62
CA ARG A 350 -18.54 -3.80 16.46
C ARG A 350 -17.44 -2.86 15.98
N VAL A 351 -17.23 -2.81 14.65
CA VAL A 351 -16.34 -1.82 14.03
C VAL A 351 -16.71 -0.40 14.45
N LYS A 352 -18.00 -0.09 14.37
CA LYS A 352 -18.53 1.22 14.77
C LYS A 352 -18.23 1.53 16.24
N ASN A 353 -18.54 0.57 17.11
CA ASN A 353 -18.39 0.75 18.55
C ASN A 353 -16.95 0.92 19.02
N LEU A 354 -16.02 0.22 18.38
CA LEU A 354 -14.61 0.30 18.73
C LEU A 354 -13.89 1.47 18.08
N LYS A 355 -14.57 2.15 17.17
CA LYS A 355 -14.06 3.35 16.51
C LYS A 355 -12.78 3.10 15.71
N VAL A 356 -12.65 1.91 15.14
CA VAL A 356 -11.43 1.56 14.41
C VAL A 356 -11.37 2.30 13.06
N ARG A 357 -10.15 2.49 12.57
CA ARG A 357 -9.90 3.06 11.25
C ARG A 357 -9.69 1.91 10.26
N LEU A 358 -10.12 2.09 9.01
CA LEU A 358 -9.99 1.03 8.00
C LEU A 358 -9.24 1.51 6.76
N SER A 359 -8.24 0.75 6.35
CA SER A 359 -7.56 0.98 5.09
C SER A 359 -7.90 -0.16 4.13
N VAL A 360 -8.56 0.19 3.03
CA VAL A 360 -9.03 -0.82 2.08
C VAL A 360 -8.39 -0.63 0.72
N GLN A 361 -8.43 -1.67 -0.11
CA GLN A 361 -7.75 -1.65 -1.40
C GLN A 361 -8.72 -2.02 -2.53
N PRO A 362 -9.49 -1.05 -3.03
CA PRO A 362 -10.53 -1.31 -4.05
C PRO A 362 -10.09 -2.04 -5.32
N HIS A 363 -8.84 -1.87 -5.76
CA HIS A 363 -8.38 -2.58 -6.95
C HIS A 363 -8.30 -4.11 -6.81
N PHE A 364 -8.33 -4.62 -5.56
CA PHE A 364 -8.45 -6.06 -5.31
C PHE A 364 -9.72 -6.67 -5.93
N ILE A 365 -10.80 -5.89 -6.03
CA ILE A 365 -12.02 -6.30 -6.75
C ILE A 365 -11.67 -6.79 -8.17
N ILE A 366 -10.78 -6.05 -8.84
CA ILE A 366 -10.38 -6.37 -10.19
CA ILE A 366 -10.35 -6.33 -10.20
C ILE A 366 -9.42 -7.55 -10.29
N SER A 367 -8.42 -7.58 -9.40
CA SER A 367 -7.38 -8.61 -9.45
CA SER A 367 -7.38 -8.61 -9.45
C SER A 367 -7.86 -9.97 -8.94
N ASP A 368 -8.67 -9.95 -7.89
CA ASP A 368 -9.09 -11.19 -7.23
C ASP A 368 -10.34 -11.79 -7.89
N TRP A 369 -10.17 -12.28 -9.12
CA TRP A 369 -11.30 -12.82 -9.89
C TRP A 369 -11.92 -14.07 -9.26
N TRP A 370 -11.14 -14.78 -8.45
CA TRP A 370 -11.52 -16.07 -7.87
C TRP A 370 -12.28 -15.95 -6.54
N ILE A 371 -12.60 -14.73 -6.14
CA ILE A 371 -13.10 -14.48 -4.79
C ILE A 371 -14.42 -15.17 -4.45
N VAL A 372 -15.36 -15.19 -5.40
CA VAL A 372 -16.66 -15.83 -5.16
C VAL A 372 -16.51 -17.35 -5.06
N GLU A 373 -15.53 -17.93 -5.73
CA GLU A 373 -15.23 -19.36 -5.55
C GLU A 373 -14.70 -19.66 -4.14
N ARG A 374 -13.84 -18.78 -3.63
CA ARG A 374 -13.31 -18.93 -2.26
C ARG A 374 -14.39 -18.89 -1.17
N VAL A 375 -15.28 -17.91 -1.25
CA VAL A 375 -16.21 -17.64 -0.16
C VAL A 375 -17.65 -18.07 -0.42
N GLY A 376 -17.98 -18.37 -1.67
CA GLY A 376 -19.35 -18.79 -2.00
C GLY A 376 -20.36 -17.64 -2.03
N GLU A 377 -21.52 -17.91 -2.58
CA GLU A 377 -22.56 -16.91 -2.68
CA GLU A 377 -22.60 -16.93 -2.77
C GLU A 377 -23.13 -16.42 -1.40
N GLU A 378 -23.17 -17.31 -0.44
CA GLU A 378 -23.71 -16.97 0.88
C GLU A 378 -22.86 -15.95 1.66
N ARG A 379 -21.60 -15.78 1.27
CA ARG A 379 -20.71 -14.81 1.92
C ARG A 379 -20.34 -13.63 1.02
N VAL A 380 -20.87 -13.62 -0.21
CA VAL A 380 -20.65 -12.54 -1.17
C VAL A 380 -20.96 -11.13 -0.63
N LYS A 381 -22.01 -10.99 0.17
CA LYS A 381 -22.38 -9.69 0.74
C LYS A 381 -21.36 -9.12 1.72
N TRP A 382 -20.46 -9.99 2.21
CA TRP A 382 -19.41 -9.58 3.14
C TRP A 382 -18.18 -9.03 2.43
N VAL A 383 -18.12 -9.21 1.11
CA VAL A 383 -16.90 -8.98 0.33
C VAL A 383 -16.71 -7.51 -0.05
N TYR A 384 -15.58 -6.92 0.36
CA TYR A 384 -15.19 -5.55 -0.01
C TYR A 384 -16.36 -4.57 0.04
N ARG A 385 -17.04 -4.56 1.18
CA ARG A 385 -18.32 -3.85 1.29
C ARG A 385 -18.11 -2.38 1.67
N PHE A 386 -17.51 -1.64 0.74
CA PHE A 386 -16.97 -0.30 1.03
C PHE A 386 -18.02 0.74 1.42
N LYS A 387 -19.18 0.67 0.78
CA LYS A 387 -20.27 1.57 1.11
C LYS A 387 -20.77 1.34 2.55
N ASP A 388 -20.97 0.08 2.91
CA ASP A 388 -21.32 -0.28 4.30
C ASP A 388 -20.26 0.15 5.32
N LEU A 389 -18.97 -0.06 4.99
CA LEU A 389 -17.89 0.27 5.92
C LEU A 389 -17.70 1.77 6.14
N MET A 390 -17.91 2.56 5.07
CA MET A 390 -17.79 4.01 5.11
CA MET A 390 -17.77 4.01 5.13
C MET A 390 -18.79 4.62 6.10
N LYS A 391 -19.91 3.92 6.28
CA LYS A 391 -20.96 4.33 7.21
C LYS A 391 -20.56 4.15 8.68
N VAL A 392 -19.70 3.16 8.95
CA VAL A 392 -19.34 2.82 10.33
C VAL A 392 -17.91 3.21 10.75
N ALA A 393 -17.05 3.56 9.79
CA ALA A 393 -15.66 3.90 10.10
C ALA A 393 -15.06 4.91 9.15
N GLU A 394 -14.03 5.61 9.63
CA GLU A 394 -13.15 6.37 8.74
C GLU A 394 -12.48 5.36 7.81
N LEU A 395 -12.55 5.64 6.51
CA LEU A 395 -12.11 4.70 5.50
C LEU A 395 -11.07 5.37 4.62
N GLY A 396 -9.92 4.71 4.45
CA GLY A 396 -8.88 5.22 3.57
C GLY A 396 -8.67 4.27 2.41
N PHE A 397 -8.26 4.80 1.26
CA PHE A 397 -7.98 3.96 0.09
C PHE A 397 -6.49 3.76 -0.05
N SER A 398 -6.13 2.60 -0.61
CA SER A 398 -4.75 2.24 -0.81
C SER A 398 -4.66 1.21 -1.92
N THR A 399 -3.43 0.90 -2.34
CA THR A 399 -3.20 -0.01 -3.42
C THR A 399 -2.49 -1.29 -2.98
N ASP A 400 -1.85 -1.24 -1.80
CA ASP A 400 -0.93 -2.30 -1.37
C ASP A 400 0.15 -2.51 -2.43
N SER A 401 0.52 -1.44 -3.12
CA SER A 401 1.54 -1.49 -4.15
C SER A 401 2.82 -2.12 -3.58
N PRO A 402 3.47 -3.02 -4.34
CA PRO A 402 3.26 -3.40 -5.74
C PRO A 402 2.30 -4.57 -6.06
N ILE A 403 1.47 -4.97 -5.10
CA ILE A 403 0.51 -6.07 -5.31
CA ILE A 403 0.52 -6.07 -5.32
C ILE A 403 -0.54 -5.63 -6.35
N GLU A 404 -0.99 -4.38 -6.25
CA GLU A 404 -1.85 -3.79 -7.27
C GLU A 404 -1.07 -2.66 -7.92
N PRO A 405 -1.50 -2.22 -9.14
CA PRO A 405 -0.92 -1.01 -9.73
C PRO A 405 -1.06 0.21 -8.81
N ALA A 406 -0.06 1.08 -8.83
CA ALA A 406 -0.06 2.25 -7.94
C ALA A 406 -0.94 3.39 -8.44
N ASP A 407 -1.30 3.39 -9.72
CA ASP A 407 -2.08 4.48 -10.33
C ASP A 407 -3.39 4.70 -9.59
N PRO A 408 -3.53 5.86 -8.92
CA PRO A 408 -4.69 6.06 -8.07
C PRO A 408 -6.01 6.08 -8.85
N TRP A 409 -5.98 6.49 -10.10
CA TRP A 409 -7.20 6.55 -10.90
C TRP A 409 -7.77 5.18 -11.20
N LEU A 410 -6.91 4.18 -11.32
CA LEU A 410 -7.35 2.78 -11.45
C LEU A 410 -8.07 2.29 -10.19
N THR A 411 -7.64 2.77 -9.02
CA THR A 411 -8.25 2.38 -7.76
C THR A 411 -9.56 3.15 -7.52
N VAL A 412 -9.58 4.43 -7.93
CA VAL A 412 -10.82 5.21 -7.92
C VAL A 412 -11.88 4.52 -8.79
N ASP A 413 -11.47 4.11 -9.99
CA ASP A 413 -12.39 3.44 -10.91
C ASP A 413 -12.98 2.15 -10.31
N ALA A 414 -12.11 1.39 -9.62
CA ALA A 414 -12.50 0.15 -8.96
C ALA A 414 -13.56 0.38 -7.88
N ALA A 415 -13.40 1.43 -7.10
CA ALA A 415 -14.37 1.76 -6.05
C ALA A 415 -15.69 2.26 -6.62
N VAL A 416 -15.62 3.02 -7.69
CA VAL A 416 -16.81 3.62 -8.30
C VAL A 416 -17.56 2.59 -9.15
N ASN A 417 -16.83 1.82 -9.95
CA ASN A 417 -17.46 0.91 -10.92
C ASN A 417 -17.42 -0.58 -10.59
N ARG A 418 -16.70 -0.93 -9.52
CA ARG A 418 -16.68 -2.29 -8.97
C ARG A 418 -16.44 -3.44 -9.93
N GLY A 419 -15.62 -3.23 -10.95
CA GLY A 419 -15.28 -4.28 -11.89
C GLY A 419 -16.36 -4.60 -12.93
N LYS A 420 -17.27 -3.66 -13.15
CA LYS A 420 -18.30 -3.79 -14.19
C LYS A 420 -17.64 -4.18 -15.52
N GLY A 421 -18.08 -5.30 -16.08
CA GLY A 421 -17.55 -5.81 -17.34
C GLY A 421 -16.19 -6.46 -17.24
N LYS A 422 -15.77 -6.80 -16.02
CA LYS A 422 -14.41 -7.30 -15.78
C LYS A 422 -14.40 -8.56 -14.91
N VAL A 423 -15.24 -8.55 -13.88
CA VAL A 423 -15.29 -9.63 -12.90
C VAL A 423 -16.73 -9.89 -12.47
N LYS A 424 -17.00 -11.13 -12.08
CA LYS A 424 -18.31 -11.58 -11.56
C LYS A 424 -18.82 -10.74 -10.39
N LEU A 425 -17.91 -10.26 -9.55
CA LEU A 425 -18.26 -9.53 -8.32
C LEU A 425 -19.17 -8.33 -8.52
N TYR A 426 -19.00 -7.61 -9.65
CA TYR A 426 -19.85 -6.45 -9.92
C TYR A 426 -21.34 -6.75 -9.82
N GLU A 427 -21.81 -7.71 -10.63
CA GLU A 427 -23.23 -8.03 -10.70
CA GLU A 427 -23.23 -8.01 -10.69
C GLU A 427 -23.79 -8.46 -9.33
N LEU A 428 -22.92 -9.08 -8.53
CA LEU A 428 -23.34 -9.60 -7.23
C LEU A 428 -23.34 -8.56 -6.12
N THR A 429 -22.55 -7.50 -6.29
CA THR A 429 -22.33 -6.51 -5.20
C THR A 429 -22.48 -5.06 -5.67
N LYS A 430 -23.26 -4.86 -6.75
CA LYS A 430 -23.57 -3.55 -7.36
C LYS A 430 -23.78 -2.42 -6.36
N ASP A 431 -24.57 -2.70 -5.31
CA ASP A 431 -25.01 -1.69 -4.35
C ASP A 431 -23.89 -1.12 -3.47
N GLN A 432 -22.70 -1.70 -3.55
CA GLN A 432 -21.56 -1.25 -2.76
C GLN A 432 -20.70 -0.21 -3.49
N ALA A 433 -21.07 0.10 -4.73
CA ALA A 433 -20.38 1.11 -5.55
C ALA A 433 -20.42 2.47 -4.88
N LEU A 434 -19.31 3.19 -4.93
CA LEU A 434 -19.25 4.55 -4.36
C LEU A 434 -19.36 5.56 -5.49
N ASP A 435 -19.80 6.77 -5.19
CA ASP A 435 -19.72 7.82 -6.20
C ASP A 435 -18.31 8.43 -6.18
N ILE A 436 -17.98 9.18 -7.22
CA ILE A 436 -16.62 9.72 -7.38
C ILE A 436 -16.19 10.65 -6.23
N LYS A 437 -17.11 11.47 -5.70
CA LYS A 437 -16.82 12.35 -4.56
C LYS A 437 -16.37 11.60 -3.32
N ASP A 438 -17.08 10.53 -2.98
CA ASP A 438 -16.74 9.70 -1.83
C ASP A 438 -15.45 8.91 -2.04
N ALA A 439 -15.19 8.51 -3.29
CA ALA A 439 -13.92 7.85 -3.62
C ALA A 439 -12.73 8.78 -3.47
N LEU A 440 -12.86 10.02 -3.97
CA LEU A 440 -11.79 11.01 -3.85
C LEU A 440 -11.56 11.45 -2.40
N HIS A 441 -12.65 11.58 -1.65
CA HIS A 441 -12.56 11.86 -0.21
C HIS A 441 -11.79 10.76 0.52
N SER A 442 -12.10 9.50 0.21
CA SER A 442 -11.45 8.35 0.87
C SER A 442 -9.97 8.26 0.53
N TYR A 443 -9.62 8.68 -0.68
CA TYR A 443 -8.26 8.62 -1.19
C TYR A 443 -7.43 9.88 -0.83
N THR A 444 -8.02 10.82 -0.11
CA THR A 444 -7.30 12.01 0.30
C THR A 444 -7.41 12.17 1.82
N TYR A 445 -8.49 12.81 2.29
CA TYR A 445 -8.69 13.03 3.72
C TYR A 445 -8.93 11.72 4.48
N GLY A 446 -9.63 10.78 3.84
CA GLY A 446 -9.92 9.47 4.46
C GLY A 446 -8.63 8.74 4.80
N SER A 447 -7.74 8.63 3.81
CA SER A 447 -6.43 8.03 3.98
C SER A 447 -5.54 8.73 5.02
N ALA A 448 -5.58 10.05 5.02
CA ALA A 448 -4.82 10.83 6.01
C ALA A 448 -5.29 10.57 7.44
N ARG A 449 -6.61 10.61 7.63
CA ARG A 449 -7.18 10.34 8.95
C ARG A 449 -6.88 8.93 9.43
N VAL A 450 -7.00 7.96 8.53
CA VAL A 450 -6.64 6.55 8.83
C VAL A 450 -5.17 6.41 9.27
N SER A 451 -4.31 7.26 8.69
CA SER A 451 -2.88 7.26 8.97
CA SER A 451 -2.88 7.25 8.98
C SER A 451 -2.50 8.23 10.09
N LEU A 452 -3.50 8.82 10.74
CA LEU A 452 -3.31 9.82 11.82
C LEU A 452 -2.47 11.02 11.37
N ALA A 453 -2.67 11.45 10.12
CA ALA A 453 -1.99 12.61 9.58
C ALA A 453 -2.97 13.76 9.65
N SER A 454 -2.94 14.49 10.76
CA SER A 454 -4.02 15.45 11.06
C SER A 454 -3.99 16.71 10.20
N ASP A 455 -2.83 16.99 9.60
CA ASP A 455 -2.70 18.17 8.74
C ASP A 455 -2.57 17.85 7.25
N ILE A 456 -3.03 16.67 6.84
CA ILE A 456 -3.01 16.31 5.42
C ILE A 456 -4.43 15.92 4.99
N GLY A 457 -4.76 16.19 3.72
CA GLY A 457 -5.96 15.61 3.13
C GLY A 457 -6.98 16.62 2.65
N LYS A 458 -6.88 17.85 3.15
CA LYS A 458 -7.72 18.96 2.72
CA LYS A 458 -7.72 18.96 2.71
C LYS A 458 -6.85 20.14 2.31
N LEU A 459 -7.41 21.11 1.60
CA LEU A 459 -6.62 22.31 1.25
C LEU A 459 -7.21 23.54 1.95
N GLU A 460 -7.63 23.32 3.19
CA GLU A 460 -8.13 24.37 4.06
C GLU A 460 -6.95 24.89 4.89
N PRO A 461 -7.07 26.11 5.47
CA PRO A 461 -6.02 26.64 6.36
C PRO A 461 -5.57 25.68 7.48
N GLY A 462 -4.26 25.56 7.68
CA GLY A 462 -3.71 24.64 8.68
C GLY A 462 -3.18 23.35 8.06
N PHE A 463 -3.73 22.98 6.91
CA PHE A 463 -3.31 21.76 6.23
C PHE A 463 -2.06 21.97 5.40
N LYS A 464 -1.26 20.91 5.24
CA LYS A 464 -0.13 20.92 4.31
C LYS A 464 -0.64 21.12 2.89
N ALA A 465 0.10 21.93 2.11
CA ALA A 465 -0.28 22.22 0.72
C ALA A 465 0.21 21.13 -0.22
N GLU A 466 -0.38 19.93 -0.08
CA GLU A 466 -0.10 18.83 -0.98
C GLU A 466 -1.25 18.78 -1.96
N TYR A 467 -0.97 19.20 -3.18
CA TYR A 467 -2.03 19.33 -4.16
C TYR A 467 -1.54 18.85 -5.51
N ILE A 468 -2.48 18.57 -6.40
CA ILE A 468 -2.16 18.26 -7.79
C ILE A 468 -2.96 19.20 -8.69
N ILE A 469 -2.36 19.55 -9.83
CA ILE A 469 -2.98 20.47 -10.77
C ILE A 469 -3.50 19.66 -11.96
N LEU A 470 -4.79 19.83 -12.27
CA LEU A 470 -5.41 19.08 -13.35
C LEU A 470 -5.96 20.01 -14.45
N ASP A 471 -6.04 19.50 -15.68
CA ASP A 471 -6.60 20.27 -16.80
C ASP A 471 -8.12 20.35 -16.71
N ARG A 472 -8.72 19.34 -16.10
CA ARG A 472 -10.18 19.21 -16.04
C ARG A 472 -10.68 18.93 -14.62
N ASP A 473 -11.97 19.17 -14.42
CA ASP A 473 -12.70 18.90 -13.18
C ASP A 473 -12.66 17.39 -12.93
N PRO A 474 -11.96 16.95 -11.85
CA PRO A 474 -11.75 15.52 -11.58
C PRO A 474 -13.05 14.74 -11.34
N LEU A 475 -14.10 15.45 -10.93
CA LEU A 475 -15.41 14.85 -10.68
C LEU A 475 -16.18 14.49 -11.95
N VAL A 476 -15.65 14.93 -13.09
CA VAL A 476 -16.40 14.96 -14.34
C VAL A 476 -15.66 14.23 -15.47
N VAL A 477 -14.43 13.80 -15.17
CA VAL A 477 -13.59 13.08 -16.13
C VAL A 477 -13.71 11.57 -15.90
N LYS A 478 -13.78 10.82 -16.99
CA LYS A 478 -13.66 9.36 -16.94
C LYS A 478 -12.31 9.00 -16.30
N GLU A 479 -12.34 8.06 -15.35
CA GLU A 479 -11.17 7.70 -14.52
C GLU A 479 -9.91 7.31 -15.30
N GLY A 480 -10.09 6.52 -16.36
CA GLY A 480 -8.97 6.06 -17.18
C GLY A 480 -8.45 7.05 -18.22
N HIS A 481 -8.90 8.29 -18.13
CA HIS A 481 -8.61 9.30 -19.16
C HIS A 481 -7.79 10.51 -18.67
N HIS A 482 -7.15 10.38 -17.51
CA HIS A 482 -6.29 11.45 -16.98
C HIS A 482 -4.91 11.42 -17.64
N HIS A 483 -4.39 12.60 -17.96
CA HIS A 483 -3.18 12.71 -18.77
C HIS A 483 -1.95 13.18 -17.98
N HIS A 484 -0.78 13.03 -18.60
CA HIS A 484 0.53 13.49 -18.11
C HIS A 484 0.80 13.34 -16.60
S SO4 B . -0.25 -6.82 3.65
O1 SO4 B . 0.76 -5.80 3.54
O2 SO4 B . -1.02 -6.86 2.42
O3 SO4 B . 0.38 -8.12 3.83
O4 SO4 B . -1.15 -6.49 4.76
S SO4 C . -3.65 3.96 25.10
O1 SO4 C . -4.13 4.95 24.15
O2 SO4 C . -3.30 2.73 24.39
O3 SO4 C . -2.45 4.46 25.79
O4 SO4 C . -4.70 3.69 26.08
S SO4 D . -6.24 15.88 -16.45
O1 SO4 D . -5.27 16.95 -16.29
O2 SO4 D . -5.94 15.13 -17.67
O3 SO4 D . -6.13 14.96 -15.31
O4 SO4 D . -7.59 16.43 -16.49
S SO4 E . -7.53 -2.07 -14.73
O1 SO4 E . -6.93 -1.37 -15.86
O2 SO4 E . -8.82 -2.61 -15.12
O3 SO4 E . -6.64 -3.15 -14.32
O4 SO4 E . -7.72 -1.15 -13.62
S SO4 F . 24.69 -2.59 4.67
O1 SO4 F . 25.07 -1.24 4.23
O2 SO4 F . 25.40 -3.58 3.87
O3 SO4 F . 25.03 -2.74 6.07
O4 SO4 F . 23.26 -2.74 4.50
S SO4 G . -24.40 -11.97 8.78
O1 SO4 G . -23.75 -11.23 7.70
O2 SO4 G . -23.83 -13.32 8.85
O3 SO4 G . -24.15 -11.31 10.06
O4 SO4 G . -25.83 -12.04 8.51
S SO4 H . 11.92 -8.44 7.00
O1 SO4 H . 11.68 -7.64 5.81
O2 SO4 H . 11.86 -9.86 6.66
O3 SO4 H . 13.22 -8.14 7.56
O4 SO4 H . 10.90 -8.15 8.01
S SO4 I . 2.80 -28.50 -13.02
O1 SO4 I . 3.86 -28.96 -13.93
O2 SO4 I . 1.89 -29.60 -12.73
O3 SO4 I . 3.41 -28.02 -11.78
O4 SO4 I . 2.05 -27.42 -13.66
S SO4 J . 2.86 -0.19 -11.21
S SO4 J . 1.49 1.53 -12.02
O1 SO4 J . 3.85 0.26 -12.18
O1 SO4 J . 2.28 2.22 -13.02
O2 SO4 J . 1.75 -0.83 -11.91
O2 SO4 J . 1.41 0.12 -12.35
O3 SO4 J . 3.46 -1.15 -10.29
O3 SO4 J . 2.17 1.66 -10.73
O4 SO4 J . 2.37 0.96 -10.46
O4 SO4 J . 0.15 2.10 -11.94
S SO4 K . 10.52 19.26 1.34
O1 SO4 K . 11.28 20.18 0.50
O2 SO4 K . 10.74 17.88 0.88
O3 SO4 K . 10.97 19.38 2.72
O4 SO4 K . 9.10 19.59 1.28
S SO4 L . -22.60 -21.11 -1.57
O1 SO4 L . -22.10 -20.84 -2.92
O2 SO4 L . -21.89 -22.27 -1.02
O3 SO4 L . -22.35 -19.96 -0.71
O4 SO4 L . -24.03 -21.37 -1.62
S SO4 M . 25.04 -3.61 -14.55
O1 SO4 M . 26.32 -3.64 -15.26
O2 SO4 M . 24.02 -4.28 -15.37
O3 SO4 M . 25.17 -4.31 -13.27
O4 SO4 M . 24.64 -2.23 -14.32
S SO4 N . -21.94 18.28 0.17
O1 SO4 N . -23.24 18.62 -0.40
O2 SO4 N . -21.22 17.44 -0.77
O3 SO4 N . -21.19 19.52 0.40
O4 SO4 N . -22.12 17.58 1.44
S SO4 O . 5.63 19.32 -2.96
O1 SO4 O . 5.66 20.78 -2.97
O2 SO4 O . 6.99 18.82 -3.13
O3 SO4 O . 5.10 18.85 -1.68
O4 SO4 O . 4.79 18.83 -4.06
S SO4 P . 11.72 -30.41 6.45
O1 SO4 P . 11.12 -29.12 6.12
O2 SO4 P . 12.32 -31.01 5.26
O3 SO4 P . 12.77 -30.21 7.45
O4 SO4 P . 10.68 -31.29 6.98
S SO4 Q . -4.54 -16.72 23.53
O1 SO4 Q . -3.43 -16.07 22.85
O2 SO4 Q . -4.27 -18.15 23.59
O3 SO4 Q . -4.66 -16.21 24.90
O4 SO4 Q . -5.79 -16.49 22.81
S SO4 R . 8.84 -7.60 25.93
O1 SO4 R . 8.29 -8.24 24.74
O2 SO4 R . 8.99 -8.59 26.99
O3 SO4 R . 10.15 -7.03 25.62
O4 SO4 R . 7.95 -6.54 26.38
S SO4 S . -1.78 9.21 21.76
O1 SO4 S . -1.56 10.64 21.54
O2 SO4 S . -1.32 8.46 20.59
O3 SO4 S . -1.01 8.77 22.92
O4 SO4 S . -3.20 8.96 21.97
S SO4 T . -9.71 12.32 -23.15
O1 SO4 T . -9.18 13.67 -23.03
O2 SO4 T . -8.64 11.36 -22.93
O3 SO4 T . -10.77 12.10 -22.16
O4 SO4 T . -10.26 12.12 -24.49
#